data_3KXW
#
_entry.id   3KXW
#
_cell.length_a   48.590
_cell.length_b   112.695
_cell.length_c   67.731
_cell.angle_alpha   90.00
_cell.angle_beta   104.84
_cell.angle_gamma   90.00
#
_symmetry.space_group_name_H-M   'P 1 21 1'
#
loop_
_entity.id
_entity.type
_entity.pdbx_description
1 polymer 'Saframycin Mx1 synthetase B'
2 non-polymer "5'-O-[(S)-(dodecanoyloxy)(hydroxy)phosphoryl]adenosine"
3 water water
#
_entity_poly.entity_id   1
_entity_poly.type   'polypeptide(L)'
_entity_poly.pdbx_seq_one_letter_code
;(MSE)SLKKEYLQCQSLVDVVRLRALHSPNKKSCTFLNKELEET(MSE)TYEQLDQHAKAIAATLQAEGAKPGDRVLLLF
APGLPLIQAFLGCLYAGCIAVPIYPPAQEKLLDKAQRIVTNSKPVIVL(MSE)IADHIKKFTADELNTNPKFLKIPAIAL
ESIELNRSSSWQPTSIKSNDIAFLQYTSGST(MSE)HPKGV(MSE)VSHHNLLDNLNKIFTSFH(MSE)NDETIIFSWLP
PHHD(MSE)GLIGCILTPIYGGIQAI(MSE)(MSE)SPFSFLQNPLSWLKHITKYKATISGSPNFAYDYCVKRIREEKKE
GLDLSSWVTAFNGAEPVREET(MSE)EHFYQAFKEFGFRKEAFYPCYGLAEATLLVTGGTPGSSYKTLTLAKEQFQDHRV
HFADDNSPGSYKLVSSGNPIQEVKIIDPDTLIPCDFDQVGEIWVQSNSVAKGYWNQPEETRHAFAGKIKDDERSAIYLRT
GDLGFLHENELYVTGRIKDLIIIYGKNHYPQDIEFSL(MSE)HSPLHHVLGKCAAFVIQEEHEYKLTV(MSE)CEVKNRF
(MSE)DDVAQDNLFNEIFELVYENHQLEVHTIVLIPLKA(MSE)PHTTSGKIRRNFCRKHLLDKTLPIVATWQLNKIEEG
HHHHHH
;
_entity_poly.pdbx_strand_id   A
#
# COMPACT_ATOMS: atom_id res chain seq x y z
N SER A 2 -16.06 9.03 -14.35
CA SER A 2 -15.18 10.17 -14.54
C SER A 2 -15.85 11.21 -15.42
N LEU A 3 -15.26 11.40 -16.60
CA LEU A 3 -15.58 12.52 -17.45
C LEU A 3 -16.88 12.30 -18.22
N LYS A 4 -16.87 11.46 -19.26
CA LYS A 4 -18.04 11.37 -20.15
C LYS A 4 -19.29 10.78 -19.49
N LYS A 5 -20.45 11.32 -19.84
CA LYS A 5 -21.68 10.97 -19.13
C LYS A 5 -22.04 9.50 -19.23
N GLU A 6 -21.84 8.92 -20.41
CA GLU A 6 -22.15 7.52 -20.64
C GLU A 6 -21.41 6.61 -19.64
N TYR A 7 -20.17 6.97 -19.30
CA TYR A 7 -19.41 6.19 -18.31
C TYR A 7 -19.89 6.43 -16.87
N LEU A 8 -20.27 7.67 -16.57
CA LEU A 8 -20.78 7.98 -15.23
C LEU A 8 -22.04 7.20 -14.93
N GLN A 9 -22.76 6.82 -15.98
CA GLN A 9 -24.04 6.15 -15.83
C GLN A 9 -23.90 4.65 -15.54
N CYS A 10 -22.72 4.10 -15.78
CA CYS A 10 -22.51 2.66 -15.61
C CYS A 10 -22.61 2.32 -14.13
N GLN A 11 -23.13 1.14 -13.83
CA GLN A 11 -23.39 0.78 -12.44
C GLN A 11 -22.28 -0.08 -11.85
N SER A 12 -21.38 -0.57 -12.70
CA SER A 12 -20.21 -1.28 -12.21
C SER A 12 -19.01 -1.01 -13.11
N LEU A 13 -17.82 -1.31 -12.60
CA LEU A 13 -16.61 -1.18 -13.41
C LEU A 13 -16.67 -2.10 -14.61
N VAL A 14 -17.38 -3.22 -14.47
CA VAL A 14 -17.55 -4.14 -15.60
C VAL A 14 -18.10 -3.41 -16.83
N ASP A 15 -19.17 -2.65 -16.63
CA ASP A 15 -19.81 -1.96 -17.76
C ASP A 15 -18.99 -0.79 -18.27
N VAL A 16 -18.22 -0.18 -17.38
CA VAL A 16 -17.30 0.86 -17.83
C VAL A 16 -16.28 0.27 -18.80
N VAL A 17 -15.68 -0.86 -18.43
CA VAL A 17 -14.69 -1.49 -19.31
C VAL A 17 -15.32 -1.94 -20.62
N ARG A 18 -16.48 -2.56 -20.54
CA ARG A 18 -17.21 -3.00 -21.75
C ARG A 18 -17.44 -1.84 -22.71
N LEU A 19 -17.88 -0.70 -22.18
CA LEU A 19 -18.21 0.46 -23.00
C LEU A 19 -16.97 1.11 -23.59
N ARG A 20 -15.94 1.25 -22.78
CA ARG A 20 -14.67 1.75 -23.31
C ARG A 20 -14.14 0.89 -24.45
N ALA A 21 -14.28 -0.43 -24.31
CA ALA A 21 -13.84 -1.34 -25.38
C ALA A 21 -14.63 -1.18 -26.69
N LEU A 22 -15.85 -0.64 -26.60
CA LEU A 22 -16.63 -0.33 -27.82
C LEU A 22 -16.29 1.03 -28.40
N HIS A 23 -16.10 2.03 -27.54
CA HIS A 23 -15.80 3.39 -27.99
C HIS A 23 -14.36 3.51 -28.47
N SER A 24 -13.45 2.80 -27.81
CA SER A 24 -12.04 2.96 -28.12
C SER A 24 -11.27 1.65 -27.94
N PRO A 25 -11.58 0.67 -28.80
CA PRO A 25 -11.02 -0.68 -28.69
C PRO A 25 -9.51 -0.66 -28.68
N ASN A 26 -8.89 0.19 -29.49
CA ASN A 26 -7.42 0.19 -29.61
C ASN A 26 -6.67 1.14 -28.68
N LYS A 27 -7.40 1.82 -27.81
CA LYS A 27 -6.77 2.70 -26.82
C LYS A 27 -5.95 1.84 -25.84
N LYS A 28 -4.68 2.19 -25.68
CA LYS A 28 -3.81 1.52 -24.72
C LYS A 28 -4.35 1.69 -23.32
N SER A 29 -4.42 0.61 -22.56
CA SER A 29 -4.83 0.72 -21.17
C SER A 29 -3.68 0.46 -20.20
N CYS A 30 -3.17 -0.76 -20.20
CA CYS A 30 -2.19 -1.17 -19.20
C CYS A 30 -0.90 -1.62 -19.85
N THR A 31 0.22 -1.13 -19.32
CA THR A 31 1.52 -1.56 -19.78
C THR A 31 2.32 -2.03 -18.58
N PHE A 32 2.89 -3.23 -18.69
CA PHE A 32 3.75 -3.76 -17.63
C PHE A 32 5.19 -3.95 -18.14
N LEU A 33 6.16 -3.55 -17.32
CA LEU A 33 7.55 -3.50 -17.72
C LEU A 33 8.32 -4.46 -16.85
N ASN A 34 9.15 -5.29 -17.47
CA ASN A 34 10.12 -6.08 -16.73
C ASN A 34 11.47 -5.89 -17.38
N LYS A 35 12.38 -5.21 -16.70
CA LYS A 35 13.67 -4.84 -17.28
C LYS A 35 13.41 -3.97 -18.50
N GLU A 36 13.84 -4.43 -19.67
CA GLU A 36 13.65 -3.63 -20.87
C GLU A 36 12.49 -4.18 -21.72
N LEU A 37 11.74 -5.11 -21.17
CA LEU A 37 10.62 -5.71 -21.88
C LEU A 37 9.33 -4.93 -21.62
N GLU A 38 8.46 -4.89 -22.61
CA GLU A 38 7.20 -4.14 -22.59
C GLU A 38 6.05 -5.05 -23.02
N GLU A 39 4.97 -5.07 -22.24
CA GLU A 39 3.73 -5.70 -22.70
C GLU A 39 2.55 -4.79 -22.41
N THR A 40 1.71 -4.61 -23.41
CA THR A 40 0.62 -3.63 -23.34
C THR A 40 -0.70 -4.31 -23.67
N THR A 42 -4.81 -3.26 -24.75
CA THR A 42 -5.78 -2.24 -25.11
C THR A 42 -7.07 -2.53 -24.37
N TYR A 43 -8.04 -1.61 -24.42
CA TYR A 43 -9.35 -1.90 -23.84
C TYR A 43 -10.02 -3.12 -24.50
N GLU A 44 -9.95 -3.21 -25.82
CA GLU A 44 -10.53 -4.38 -26.49
C GLU A 44 -9.96 -5.66 -25.90
N GLN A 45 -8.65 -5.69 -25.72
CA GLN A 45 -7.98 -6.90 -25.20
C GLN A 45 -8.37 -7.20 -23.74
N LEU A 46 -8.31 -6.18 -22.90
CA LEU A 46 -8.69 -6.33 -21.51
C LEU A 46 -10.12 -6.89 -21.38
N ASP A 47 -11.06 -6.30 -22.09
CA ASP A 47 -12.44 -6.80 -22.13
C ASP A 47 -12.52 -8.26 -22.62
N GLN A 48 -11.81 -8.59 -23.70
CA GLN A 48 -11.85 -9.98 -24.21
C GLN A 48 -11.26 -10.98 -23.20
N HIS A 49 -10.11 -10.67 -22.61
CA HIS A 49 -9.53 -11.54 -21.57
C HIS A 49 -10.45 -11.71 -20.37
N ALA A 50 -11.02 -10.61 -19.88
CA ALA A 50 -11.96 -10.65 -18.78
C ALA A 50 -13.16 -11.55 -19.06
N LYS A 51 -13.71 -11.43 -20.28
CA LYS A 51 -14.82 -12.29 -20.69
C LYS A 51 -14.42 -13.75 -20.74
N ALA A 52 -13.26 -14.04 -21.31
CA ALA A 52 -12.75 -15.41 -21.39
C ALA A 52 -12.58 -16.02 -20.00
N ILE A 53 -12.03 -15.24 -19.08
CA ILE A 53 -11.80 -15.74 -17.73
C ILE A 53 -13.12 -15.92 -17.01
N ALA A 54 -14.02 -14.95 -17.16
CA ALA A 54 -15.34 -15.09 -16.54
C ALA A 54 -16.10 -16.33 -17.07
N ALA A 55 -15.98 -16.59 -18.37
CA ALA A 55 -16.70 -17.73 -18.95
C ALA A 55 -16.15 -19.04 -18.38
N THR A 56 -14.83 -19.09 -18.18
CA THR A 56 -14.20 -20.24 -17.56
C THR A 56 -14.67 -20.42 -16.11
N LEU A 57 -14.69 -19.33 -15.34
CA LEU A 57 -15.20 -19.41 -13.97
C LEU A 57 -16.64 -19.94 -13.94
N GLN A 58 -17.48 -19.40 -14.82
CA GLN A 58 -18.85 -19.86 -14.90
C GLN A 58 -18.93 -21.34 -15.30
N ALA A 59 -18.09 -21.75 -16.26
CA ALA A 59 -18.10 -23.12 -16.74
C ALA A 59 -17.67 -24.07 -15.64
N GLU A 60 -16.86 -23.56 -14.71
CA GLU A 60 -16.36 -24.38 -13.61
C GLU A 60 -17.21 -24.34 -12.35
N GLY A 61 -18.37 -23.70 -12.45
CA GLY A 61 -19.34 -23.77 -11.38
C GLY A 61 -19.31 -22.60 -10.42
N ALA A 62 -18.45 -21.61 -10.63
CA ALA A 62 -18.48 -20.42 -9.77
C ALA A 62 -19.73 -19.59 -10.01
N LYS A 63 -20.32 -19.10 -8.92
CA LYS A 63 -21.60 -18.37 -8.95
C LYS A 63 -21.41 -16.97 -8.40
N PRO A 64 -22.33 -16.04 -8.72
CA PRO A 64 -22.22 -14.70 -8.15
C PRO A 64 -22.16 -14.71 -6.64
N GLY A 65 -21.19 -13.99 -6.09
CA GLY A 65 -21.00 -13.98 -4.64
C GLY A 65 -19.94 -14.95 -4.12
N ASP A 66 -19.58 -15.95 -4.93
CA ASP A 66 -18.48 -16.86 -4.58
C ASP A 66 -17.16 -16.07 -4.61
N ARG A 67 -16.23 -16.45 -3.73
CA ARG A 67 -14.91 -15.84 -3.73
C ARG A 67 -13.98 -16.64 -4.64
N VAL A 68 -13.18 -15.92 -5.41
CA VAL A 68 -12.15 -16.53 -6.24
C VAL A 68 -10.82 -15.95 -5.82
N LEU A 69 -9.93 -16.83 -5.36
CA LEU A 69 -8.61 -16.43 -4.91
C LEU A 69 -7.69 -16.13 -6.09
N LEU A 70 -6.93 -15.04 -6.03
CA LEU A 70 -6.07 -14.69 -7.15
C LEU A 70 -4.64 -14.68 -6.68
N LEU A 71 -3.90 -15.72 -7.05
CA LEU A 71 -2.52 -15.85 -6.58
C LEU A 71 -1.62 -15.45 -7.73
N PHE A 72 -1.11 -14.22 -7.70
CA PHE A 72 -0.30 -13.67 -8.80
C PHE A 72 0.74 -12.71 -8.29
N ALA A 73 1.92 -12.76 -8.92
CA ALA A 73 2.86 -11.66 -8.83
C ALA A 73 2.30 -10.48 -9.63
N PRO A 74 2.82 -9.28 -9.41
CA PRO A 74 2.39 -8.14 -10.21
C PRO A 74 2.54 -8.42 -11.71
N GLY A 75 1.63 -7.89 -12.52
CA GLY A 75 1.68 -8.12 -13.95
C GLY A 75 0.32 -8.00 -14.60
N LEU A 76 0.28 -8.21 -15.91
CA LEU A 76 -1.00 -8.11 -16.61
C LEU A 76 -1.92 -9.29 -16.27
N PRO A 77 -1.36 -10.49 -16.03
CA PRO A 77 -2.30 -11.59 -15.71
C PRO A 77 -3.15 -11.33 -14.45
N LEU A 78 -2.55 -10.74 -13.41
CA LEU A 78 -3.33 -10.40 -12.22
C LEU A 78 -4.50 -9.49 -12.59
N ILE A 79 -4.26 -8.50 -13.44
CA ILE A 79 -5.29 -7.52 -13.80
C ILE A 79 -6.39 -8.16 -14.64
N GLN A 80 -6.00 -9.01 -15.58
CA GLN A 80 -7.00 -9.75 -16.37
C GLN A 80 -7.87 -10.62 -15.44
N ALA A 81 -7.23 -11.31 -14.51
CA ALA A 81 -7.95 -12.26 -13.62
C ALA A 81 -8.90 -11.50 -12.70
N PHE A 82 -8.45 -10.36 -12.20
CA PHE A 82 -9.28 -9.52 -11.33
C PHE A 82 -10.55 -9.06 -12.08
N LEU A 83 -10.39 -8.55 -13.29
CA LEU A 83 -11.57 -8.10 -14.02
C LEU A 83 -12.44 -9.32 -14.38
N GLY A 84 -11.78 -10.41 -14.71
CA GLY A 84 -12.50 -11.63 -15.07
C GLY A 84 -13.39 -12.06 -13.90
N CYS A 85 -12.90 -11.92 -12.67
CA CYS A 85 -13.74 -12.21 -11.49
C CYS A 85 -14.94 -11.30 -11.44
N LEU A 86 -14.72 -10.00 -11.63
CA LEU A 86 -15.83 -9.07 -11.56
C LEU A 86 -16.89 -9.35 -12.65
N TYR A 87 -16.44 -9.64 -13.86
CA TYR A 87 -17.36 -9.97 -14.95
C TYR A 87 -18.21 -11.19 -14.64
N ALA A 88 -17.71 -12.10 -13.81
CA ALA A 88 -18.47 -13.27 -13.41
C ALA A 88 -19.35 -13.02 -12.17
N GLY A 89 -19.30 -11.81 -11.63
CA GLY A 89 -20.00 -11.50 -10.40
C GLY A 89 -19.38 -12.15 -9.18
N CYS A 90 -18.16 -12.65 -9.33
CA CYS A 90 -17.45 -13.28 -8.22
C CYS A 90 -16.66 -12.23 -7.44
N ILE A 91 -16.40 -12.54 -6.17
CA ILE A 91 -15.66 -11.65 -5.28
C ILE A 91 -14.17 -11.95 -5.41
N ALA A 92 -13.40 -11.03 -5.98
CA ALA A 92 -11.98 -11.27 -6.18
C ALA A 92 -11.25 -11.21 -4.85
N VAL A 93 -10.31 -12.14 -4.65
CA VAL A 93 -9.48 -12.13 -3.44
C VAL A 93 -8.01 -12.25 -3.80
N PRO A 94 -7.35 -11.10 -4.02
CA PRO A 94 -5.93 -11.07 -4.39
C PRO A 94 -4.99 -11.39 -3.23
N ILE A 95 -3.98 -12.22 -3.47
CA ILE A 95 -2.96 -12.48 -2.46
C ILE A 95 -1.56 -12.52 -3.09
N TYR A 96 -0.56 -12.10 -2.32
CA TYR A 96 0.85 -12.27 -2.66
C TYR A 96 1.16 -13.75 -2.82
N PRO A 97 1.94 -14.12 -3.83
CA PRO A 97 2.37 -15.52 -3.91
C PRO A 97 3.07 -15.91 -2.60
N PRO A 98 2.73 -17.08 -2.04
CA PRO A 98 3.20 -17.51 -0.71
C PRO A 98 4.61 -18.08 -0.78
N ALA A 99 5.56 -17.21 -1.13
CA ALA A 99 6.92 -17.66 -1.45
C ALA A 99 7.73 -18.06 -0.22
N GLN A 100 7.34 -17.56 0.94
CA GLN A 100 8.06 -17.88 2.16
C GLN A 100 7.10 -18.15 3.30
N GLU A 101 7.67 -18.51 4.45
CA GLU A 101 6.86 -19.07 5.53
C GLU A 101 5.67 -18.19 5.94
N LYS A 102 5.96 -16.93 6.24
CA LYS A 102 4.94 -16.01 6.73
C LYS A 102 3.92 -15.68 5.63
N LEU A 103 4.39 -15.49 4.40
CA LEU A 103 3.46 -15.26 3.29
C LEU A 103 2.51 -16.44 3.09
N LEU A 104 2.98 -17.63 3.44
CA LEU A 104 2.17 -18.84 3.27
C LEU A 104 1.16 -19.00 4.40
N ASP A 105 1.59 -18.67 5.61
CA ASP A 105 0.69 -18.59 6.75
C ASP A 105 -0.43 -17.58 6.47
N LYS A 106 -0.08 -16.42 5.95
CA LYS A 106 -1.08 -15.40 5.64
C LYS A 106 -2.07 -15.92 4.60
N ALA A 107 -1.55 -16.57 3.56
CA ALA A 107 -2.42 -17.15 2.54
C ALA A 107 -3.38 -18.17 3.14
N GLN A 108 -2.89 -19.06 4.00
CA GLN A 108 -3.77 -20.04 4.61
C GLN A 108 -4.86 -19.39 5.47
N ARG A 109 -4.51 -18.33 6.20
CA ARG A 109 -5.51 -17.66 7.02
C ARG A 109 -6.56 -16.98 6.14
N ILE A 110 -6.13 -16.47 4.99
CA ILE A 110 -7.06 -15.84 4.06
C ILE A 110 -7.99 -16.87 3.41
N VAL A 111 -7.43 -18.01 3.04
CA VAL A 111 -8.26 -19.10 2.53
C VAL A 111 -9.30 -19.55 3.55
N THR A 112 -8.90 -19.70 4.80
CA THR A 112 -9.84 -20.15 5.82
C THR A 112 -10.97 -19.14 6.02
N ASN A 113 -10.63 -17.86 6.01
CA ASN A 113 -11.61 -16.81 6.21
C ASN A 113 -12.57 -16.68 5.01
N SER A 114 -12.01 -16.60 3.81
CA SER A 114 -12.79 -16.24 2.62
C SER A 114 -13.43 -17.44 1.91
N LYS A 115 -12.94 -18.65 2.18
CA LYS A 115 -13.48 -19.88 1.59
C LYS A 115 -13.75 -19.80 0.07
N PRO A 116 -12.72 -19.52 -0.71
CA PRO A 116 -12.90 -19.37 -2.16
C PRO A 116 -13.22 -20.71 -2.81
N VAL A 117 -13.89 -20.66 -3.95
CA VAL A 117 -14.28 -21.88 -4.66
C VAL A 117 -13.24 -22.31 -5.67
N ILE A 118 -12.46 -21.35 -6.16
CA ILE A 118 -11.44 -21.55 -7.20
C ILE A 118 -10.27 -20.63 -6.90
N VAL A 119 -9.06 -21.05 -7.23
CA VAL A 119 -7.91 -20.15 -7.23
C VAL A 119 -7.32 -20.10 -8.64
N LEU A 120 -7.04 -18.88 -9.11
CA LEU A 120 -6.35 -18.65 -10.37
C LEU A 120 -4.89 -18.29 -10.11
N ILE A 122 -0.69 -18.38 -12.37
CA ILE A 122 -0.04 -18.76 -13.63
C ILE A 122 0.46 -20.22 -13.61
N ALA A 123 0.63 -20.80 -14.79
CA ALA A 123 1.02 -22.22 -14.91
C ALA A 123 2.26 -22.56 -14.10
N ASP A 124 3.28 -21.72 -14.17
CA ASP A 124 4.49 -21.90 -13.37
C ASP A 124 4.15 -22.09 -11.91
N HIS A 125 3.12 -21.38 -11.44
CA HIS A 125 2.82 -21.39 -10.01
C HIS A 125 2.01 -22.60 -9.58
N ILE A 126 1.24 -23.18 -10.50
CA ILE A 126 0.55 -24.40 -10.14
C ILE A 126 1.60 -25.49 -9.89
N LYS A 127 2.73 -25.43 -10.58
CA LYS A 127 3.83 -26.35 -10.30
C LYS A 127 4.53 -26.07 -8.98
N LYS A 128 4.79 -24.79 -8.71
CA LYS A 128 5.50 -24.41 -7.50
C LYS A 128 4.64 -24.52 -6.25
N PHE A 129 3.35 -24.22 -6.34
CA PHE A 129 2.53 -24.16 -5.14
C PHE A 129 1.50 -25.27 -4.95
N THR A 130 1.35 -26.16 -5.93
CA THR A 130 0.42 -27.26 -5.73
C THR A 130 1.13 -28.61 -5.87
N ALA A 131 0.37 -29.70 -5.73
CA ALA A 131 0.95 -31.05 -5.70
C ALA A 131 1.71 -31.39 -6.98
N ASN A 137 -6.70 -33.15 -10.75
CA ASN A 137 -7.04 -31.74 -10.61
C ASN A 137 -6.21 -31.07 -9.52
N PRO A 138 -5.39 -30.09 -9.93
CA PRO A 138 -4.49 -29.42 -8.99
C PRO A 138 -5.28 -28.66 -7.93
N LYS A 139 -4.72 -28.59 -6.73
CA LYS A 139 -5.32 -27.85 -5.62
C LYS A 139 -4.27 -27.06 -4.85
N PHE A 140 -4.62 -25.85 -4.43
CA PHE A 140 -3.77 -25.06 -3.55
C PHE A 140 -4.48 -24.90 -2.22
N LEU A 141 -3.86 -25.38 -1.14
CA LEU A 141 -4.53 -25.40 0.16
C LEU A 141 -5.99 -25.84 0.03
N LYS A 142 -6.17 -26.97 -0.66
CA LYS A 142 -7.48 -27.62 -0.87
C LYS A 142 -8.44 -26.91 -1.80
N ILE A 143 -8.00 -25.81 -2.42
CA ILE A 143 -8.87 -25.09 -3.34
C ILE A 143 -8.53 -25.48 -4.77
N PRO A 144 -9.54 -25.88 -5.56
CA PRO A 144 -9.24 -26.23 -6.95
C PRO A 144 -8.57 -25.07 -7.68
N ALA A 145 -7.50 -25.38 -8.40
CA ALA A 145 -6.66 -24.36 -9.02
C ALA A 145 -6.77 -24.45 -10.53
N ILE A 146 -6.60 -23.31 -11.19
CA ILE A 146 -6.66 -23.23 -12.64
C ILE A 146 -5.57 -22.30 -13.12
N ALA A 147 -4.77 -22.79 -14.06
CA ALA A 147 -3.73 -21.98 -14.67
C ALA A 147 -4.33 -20.98 -15.63
N LEU A 148 -3.97 -19.71 -15.49
CA LEU A 148 -4.58 -18.69 -16.33
C LEU A 148 -4.26 -18.94 -17.82
N GLU A 149 -3.06 -19.42 -18.12
CA GLU A 149 -2.70 -19.71 -19.50
C GLU A 149 -3.59 -20.75 -20.19
N SER A 150 -4.34 -21.52 -19.41
CA SER A 150 -5.20 -22.56 -19.95
C SER A 150 -6.46 -21.93 -20.56
N ILE A 151 -6.63 -20.65 -20.27
CA ILE A 151 -7.82 -19.93 -20.72
C ILE A 151 -7.64 -19.24 -22.09
N GLU A 152 -8.37 -19.74 -23.08
CA GLU A 152 -8.27 -19.24 -24.45
C GLU A 152 -9.31 -18.18 -24.78
N LEU A 153 -8.93 -17.25 -25.65
CA LEU A 153 -9.82 -16.19 -26.10
C LEU A 153 -11.06 -16.70 -26.83
N ASN A 154 -11.02 -17.94 -27.32
CA ASN A 154 -12.21 -18.51 -27.94
C ASN A 154 -13.34 -18.78 -26.91
N ARG A 155 -13.07 -18.55 -25.64
CA ARG A 155 -14.14 -18.64 -24.63
C ARG A 155 -14.88 -17.32 -24.41
N SER A 156 -14.30 -16.19 -24.85
CA SER A 156 -14.88 -14.88 -24.56
C SER A 156 -16.38 -14.83 -24.89
N SER A 157 -16.76 -15.34 -26.06
CA SER A 157 -18.15 -15.18 -26.51
C SER A 157 -19.09 -16.07 -25.71
N SER A 158 -18.52 -16.95 -24.90
CA SER A 158 -19.36 -17.80 -24.06
C SER A 158 -19.78 -17.13 -22.75
N TRP A 159 -19.25 -15.95 -22.47
CA TRP A 159 -19.53 -15.31 -21.18
C TRP A 159 -21.02 -14.98 -21.02
N GLN A 160 -21.59 -15.25 -19.85
CA GLN A 160 -22.97 -14.86 -19.58
C GLN A 160 -23.01 -13.73 -18.55
N PRO A 161 -23.39 -12.52 -18.98
CA PRO A 161 -23.50 -11.38 -18.06
C PRO A 161 -24.39 -11.73 -16.88
N THR A 162 -24.01 -11.28 -15.68
CA THR A 162 -24.81 -11.51 -14.49
C THR A 162 -25.50 -10.19 -14.16
N SER A 163 -26.42 -10.18 -13.21
CA SER A 163 -27.05 -8.92 -12.84
C SER A 163 -26.37 -8.31 -11.63
N ILE A 164 -25.32 -7.53 -11.87
CA ILE A 164 -24.60 -6.89 -10.79
C ILE A 164 -25.37 -5.73 -10.22
N LYS A 165 -25.55 -5.72 -8.90
CA LYS A 165 -26.17 -4.61 -8.20
C LYS A 165 -25.13 -3.78 -7.48
N SER A 166 -25.42 -2.50 -7.31
CA SER A 166 -24.52 -1.54 -6.68
C SER A 166 -23.93 -2.06 -5.39
N ASN A 167 -24.78 -2.62 -4.54
CA ASN A 167 -24.32 -3.02 -3.22
C ASN A 167 -23.64 -4.38 -3.15
N ASP A 168 -23.64 -5.09 -4.27
CA ASP A 168 -22.94 -6.37 -4.33
C ASP A 168 -21.44 -6.17 -4.05
N ILE A 169 -20.83 -7.09 -3.33
CA ILE A 169 -19.39 -7.02 -3.10
C ILE A 169 -18.62 -7.35 -4.37
N ALA A 170 -17.64 -6.52 -4.71
CA ALA A 170 -16.79 -6.71 -5.88
C ALA A 170 -15.49 -7.45 -5.54
N PHE A 171 -14.87 -7.10 -4.41
CA PHE A 171 -13.63 -7.77 -4.03
C PHE A 171 -13.33 -7.61 -2.56
N LEU A 172 -12.47 -8.48 -2.04
CA LEU A 172 -11.99 -8.33 -0.69
C LEU A 172 -10.60 -7.74 -0.72
N GLN A 173 -10.36 -6.65 0.00
CA GLN A 173 -8.99 -6.22 0.16
C GLN A 173 -8.51 -6.45 1.59
N TYR A 174 -7.51 -7.30 1.72
CA TYR A 174 -6.96 -7.62 3.03
C TYR A 174 -5.95 -6.59 3.47
N THR A 175 -6.08 -6.09 4.69
CA THR A 175 -5.21 -5.02 5.15
C THR A 175 -3.97 -5.62 5.78
N SER A 176 -2.97 -4.79 6.02
CA SER A 176 -1.84 -5.24 6.83
C SER A 176 -2.28 -5.24 8.29
N GLY A 177 -1.44 -5.78 9.14
CA GLY A 177 -1.81 -5.86 10.52
C GLY A 177 -2.81 -6.98 10.62
N SER A 178 -3.36 -7.14 11.81
CA SER A 178 -4.21 -8.27 12.10
C SER A 178 -3.62 -9.51 11.45
N THR A 179 -2.33 -9.75 11.67
CA THR A 179 -1.69 -10.91 11.02
C THR A 179 -2.39 -12.21 11.43
N HIS A 181 -5.74 -12.70 12.40
CA HIS A 181 -7.04 -12.86 11.76
C HIS A 181 -7.18 -11.78 10.69
N PRO A 182 -6.56 -12.00 9.53
CA PRO A 182 -6.49 -10.95 8.51
C PRO A 182 -7.89 -10.43 8.21
N LYS A 183 -7.99 -9.11 8.05
CA LYS A 183 -9.29 -8.45 7.80
C LYS A 183 -9.48 -8.20 6.32
N GLY A 184 -10.49 -8.87 5.74
CA GLY A 184 -10.83 -8.71 4.34
C GLY A 184 -11.95 -7.69 4.18
N VAL A 185 -11.57 -6.50 3.76
CA VAL A 185 -12.54 -5.41 3.62
C VAL A 185 -13.43 -5.67 2.41
N VAL A 187 -15.40 -4.54 -0.39
CA VAL A 187 -15.61 -3.35 -1.23
C VAL A 187 -16.70 -3.63 -2.26
N SER A 188 -17.80 -2.90 -2.17
CA SER A 188 -18.91 -3.12 -3.10
C SER A 188 -18.62 -2.46 -4.43
N HIS A 189 -19.41 -2.82 -5.46
CA HIS A 189 -19.27 -2.16 -6.75
C HIS A 189 -19.51 -0.65 -6.65
N HIS A 190 -20.47 -0.26 -5.81
CA HIS A 190 -20.79 1.16 -5.59
C HIS A 190 -19.63 1.85 -4.82
N ASN A 191 -19.06 1.16 -3.83
CA ASN A 191 -17.93 1.73 -3.09
C ASN A 191 -16.80 2.07 -4.05
N LEU A 192 -16.48 1.10 -4.91
CA LEU A 192 -15.38 1.19 -5.84
C LEU A 192 -15.57 2.35 -6.81
N LEU A 193 -16.71 2.37 -7.50
CA LEU A 193 -16.95 3.49 -8.43
C LEU A 193 -16.95 4.83 -7.70
N ASP A 194 -17.50 4.88 -6.51
CA ASP A 194 -17.52 6.15 -5.81
C ASP A 194 -16.09 6.66 -5.59
N ASN A 195 -15.22 5.77 -5.13
CA ASN A 195 -13.86 6.19 -4.84
C ASN A 195 -13.03 6.49 -6.09
N LEU A 196 -13.19 5.67 -7.13
CA LEU A 196 -12.54 5.94 -8.40
C LEU A 196 -12.89 7.32 -8.91
N ASN A 197 -14.14 7.73 -8.74
CA ASN A 197 -14.53 9.07 -9.16
C ASN A 197 -13.89 10.14 -8.29
N LYS A 198 -13.84 9.89 -6.99
CA LYS A 198 -13.20 10.82 -6.09
C LYS A 198 -11.72 10.99 -6.42
N ILE A 199 -11.05 9.89 -6.73
CA ILE A 199 -9.63 9.91 -7.10
C ILE A 199 -9.40 10.65 -8.43
N PHE A 200 -10.15 10.26 -9.46
CA PHE A 200 -10.03 10.91 -10.77
C PHE A 200 -10.24 12.41 -10.65
N THR A 201 -11.22 12.79 -9.85
CA THR A 201 -11.58 14.19 -9.72
C THR A 201 -10.58 14.96 -8.89
N SER A 202 -10.25 14.42 -7.72
CA SER A 202 -9.38 15.10 -6.77
C SER A 202 -7.97 15.27 -7.34
N PHE A 203 -7.52 14.29 -8.12
CA PHE A 203 -6.20 14.32 -8.77
C PHE A 203 -6.18 15.14 -10.07
N HIS A 204 -7.30 15.79 -10.40
CA HIS A 204 -7.37 16.59 -11.62
C HIS A 204 -6.91 15.82 -12.85
N ASN A 206 -7.01 14.04 -16.51
CA ASN A 206 -7.55 14.47 -17.79
C ASN A 206 -6.93 13.57 -18.84
N ASP A 207 -7.07 13.91 -20.13
CA ASP A 207 -6.59 12.97 -21.14
C ASP A 207 -5.13 13.18 -21.55
N GLU A 208 -4.43 14.04 -20.81
CA GLU A 208 -2.98 14.03 -20.87
C GLU A 208 -2.41 13.08 -19.78
N THR A 209 -3.25 12.69 -18.84
CA THR A 209 -2.76 11.99 -17.64
C THR A 209 -2.12 10.65 -18.00
N ILE A 210 -0.96 10.37 -17.42
CA ILE A 210 -0.37 9.06 -17.52
C ILE A 210 0.09 8.62 -16.13
N ILE A 211 -0.35 7.47 -15.68
CA ILE A 211 0.05 7.04 -14.36
C ILE A 211 1.19 6.05 -14.43
N PHE A 212 2.22 6.24 -13.61
CA PHE A 212 3.23 5.19 -13.47
C PHE A 212 3.13 4.60 -12.06
N SER A 213 3.29 3.29 -11.94
CA SER A 213 3.28 2.69 -10.62
C SER A 213 4.20 1.49 -10.51
N TRP A 214 4.97 1.43 -9.43
CA TRP A 214 5.63 0.17 -9.04
C TRP A 214 4.95 -0.45 -7.83
N LEU A 215 3.86 0.16 -7.36
CA LEU A 215 3.26 -0.22 -6.07
C LEU A 215 2.65 -1.61 -6.05
N PRO A 216 2.73 -2.28 -4.89
CA PRO A 216 2.14 -3.61 -4.78
C PRO A 216 0.66 -3.59 -5.24
N PRO A 217 0.29 -4.42 -6.22
CA PRO A 217 -1.12 -4.48 -6.63
C PRO A 217 -1.98 -5.21 -5.58
N HIS A 218 -1.35 -5.74 -4.53
CA HIS A 218 -2.09 -6.45 -3.46
C HIS A 218 -2.37 -5.57 -2.22
N HIS A 219 -2.06 -4.29 -2.35
CA HIS A 219 -2.40 -3.27 -1.34
C HIS A 219 -3.36 -2.29 -2.05
N ASP A 220 -4.30 -1.72 -1.31
CA ASP A 220 -5.26 -0.78 -1.88
C ASP A 220 -4.71 0.32 -2.81
N GLY A 222 -1.91 0.64 -4.73
CA GLY A 222 -1.41 0.17 -6.00
C GLY A 222 -2.50 -0.49 -6.84
N LEU A 223 -3.54 -1.03 -6.19
CA LEU A 223 -4.65 -1.63 -6.93
C LEU A 223 -5.69 -0.57 -7.32
N ILE A 224 -6.25 0.13 -6.31
CA ILE A 224 -7.38 1.01 -6.55
C ILE A 224 -6.94 2.32 -7.22
N GLY A 225 -5.89 2.92 -6.67
CA GLY A 225 -5.34 4.14 -7.21
C GLY A 225 -4.67 3.98 -8.57
N CYS A 226 -3.80 3.00 -8.71
CA CYS A 226 -2.90 3.01 -9.87
C CYS A 226 -3.29 2.03 -11.00
N ILE A 227 -4.32 1.22 -10.77
CA ILE A 227 -4.78 0.30 -11.81
C ILE A 227 -6.26 0.51 -12.14
N LEU A 228 -7.11 0.41 -11.12
CA LEU A 228 -8.55 0.50 -11.35
C LEU A 228 -8.99 1.91 -11.73
N THR A 229 -8.40 2.92 -11.11
CA THR A 229 -8.73 4.30 -11.51
C THR A 229 -8.40 4.60 -12.98
N PRO A 230 -7.18 4.30 -13.45
CA PRO A 230 -6.88 4.54 -14.86
C PRO A 230 -7.79 3.74 -15.81
N ILE A 231 -8.04 2.48 -15.49
CA ILE A 231 -8.96 1.68 -16.31
C ILE A 231 -10.35 2.36 -16.40
N TYR A 232 -10.89 2.74 -15.24
CA TYR A 232 -12.13 3.49 -15.14
C TYR A 232 -12.11 4.81 -15.93
N GLY A 233 -11.01 5.55 -15.85
CA GLY A 233 -10.96 6.88 -16.43
C GLY A 233 -10.42 6.99 -17.86
N GLY A 234 -10.07 5.88 -18.48
CA GLY A 234 -9.59 5.91 -19.86
C GLY A 234 -8.13 6.34 -20.01
N ILE A 235 -7.35 6.10 -18.96
CA ILE A 235 -6.01 6.67 -18.82
C ILE A 235 -4.98 5.57 -18.77
N GLN A 236 -3.82 5.80 -19.38
CA GLN A 236 -2.79 4.75 -19.37
C GLN A 236 -2.23 4.49 -17.96
N ALA A 237 -2.05 3.20 -17.64
CA ALA A 237 -1.35 2.80 -16.42
C ALA A 237 -0.06 2.13 -16.87
N ILE A 238 1.09 2.64 -16.45
CA ILE A 238 2.37 2.03 -16.81
C ILE A 238 3.01 1.50 -15.55
N SER A 241 7.08 -4.09 -11.13
CA SER A 241 6.92 -4.71 -9.82
C SER A 241 7.68 -3.98 -8.71
N PRO A 242 7.24 -4.15 -7.46
CA PRO A 242 7.99 -3.53 -6.37
C PRO A 242 9.40 -4.09 -6.30
N PHE A 243 9.57 -5.36 -6.66
CA PHE A 243 10.92 -5.95 -6.69
C PHE A 243 11.85 -5.14 -7.60
N SER A 244 11.34 -4.74 -8.77
CA SER A 244 12.12 -3.94 -9.72
C SER A 244 12.52 -2.60 -9.12
N PHE A 245 11.58 -1.97 -8.42
CA PHE A 245 11.88 -0.71 -7.76
C PHE A 245 12.99 -0.87 -6.70
N LEU A 246 12.84 -1.84 -5.82
CA LEU A 246 13.80 -2.03 -4.72
C LEU A 246 15.18 -2.38 -5.22
N GLN A 247 15.25 -3.22 -6.26
CA GLN A 247 16.55 -3.53 -6.85
C GLN A 247 17.23 -2.34 -7.50
N ASN A 248 16.46 -1.39 -8.00
CA ASN A 248 17.02 -0.30 -8.81
C ASN A 248 16.05 0.86 -8.83
N PRO A 249 16.02 1.65 -7.75
CA PRO A 249 15.01 2.69 -7.58
C PRO A 249 15.11 3.77 -8.66
N LEU A 250 16.31 3.97 -9.19
CA LEU A 250 16.47 4.86 -10.33
C LEU A 250 15.50 4.53 -11.44
N SER A 251 15.16 3.25 -11.62
CA SER A 251 14.27 2.88 -12.72
C SER A 251 12.89 3.54 -12.60
N TRP A 252 12.45 3.81 -11.38
CA TRP A 252 11.19 4.57 -11.21
C TRP A 252 11.27 5.91 -11.94
N LEU A 253 12.35 6.63 -11.72
CA LEU A 253 12.49 7.98 -12.26
C LEU A 253 12.84 7.95 -13.74
N LYS A 254 13.62 6.95 -14.16
CA LYS A 254 13.84 6.71 -15.60
C LYS A 254 12.53 6.45 -16.36
N HIS A 255 11.68 5.60 -15.82
CA HIS A 255 10.40 5.34 -16.50
C HIS A 255 9.48 6.55 -16.50
N ILE A 256 9.45 7.30 -15.40
CA ILE A 256 8.64 8.50 -15.36
C ILE A 256 9.10 9.40 -16.48
N THR A 257 10.42 9.44 -16.67
CA THR A 257 11.04 10.27 -17.69
C THR A 257 10.64 9.81 -19.09
N LYS A 258 10.86 8.51 -19.36
CA LYS A 258 10.61 7.92 -20.66
C LYS A 258 9.16 8.03 -21.09
N TYR A 259 8.24 7.75 -20.15
CA TYR A 259 6.82 7.65 -20.48
C TYR A 259 6.05 8.95 -20.22
N LYS A 260 6.77 9.99 -19.83
CA LYS A 260 6.16 11.26 -19.45
C LYS A 260 4.99 11.05 -18.52
N ALA A 261 5.19 10.27 -17.47
CA ALA A 261 4.14 10.07 -16.50
C ALA A 261 3.85 11.39 -15.79
N THR A 262 2.58 11.60 -15.47
CA THR A 262 2.14 12.82 -14.83
C THR A 262 1.78 12.59 -13.37
N ILE A 263 1.33 11.38 -13.07
CA ILE A 263 0.98 11.01 -11.71
C ILE A 263 1.71 9.73 -11.31
N SER A 264 2.40 9.76 -10.18
CA SER A 264 3.05 8.57 -9.65
C SER A 264 3.30 8.86 -8.20
N GLY A 265 3.31 7.83 -7.36
CA GLY A 265 3.57 8.08 -5.95
C GLY A 265 3.76 6.80 -5.16
N SER A 266 3.71 6.91 -3.84
CA SER A 266 4.16 5.83 -2.96
C SER A 266 4.00 6.24 -1.51
N PRO A 267 4.22 5.28 -0.58
CA PRO A 267 4.38 5.69 0.82
C PRO A 267 5.63 6.56 0.95
N ASN A 268 5.66 7.33 2.01
CA ASN A 268 6.74 8.28 2.25
C ASN A 268 8.15 7.67 2.12
N PHE A 269 8.35 6.46 2.65
CA PHE A 269 9.71 5.87 2.66
C PHE A 269 10.39 5.84 1.28
N ALA A 270 9.60 5.69 0.21
CA ALA A 270 10.21 5.43 -1.09
C ALA A 270 10.96 6.65 -1.64
N TYR A 271 10.54 7.84 -1.22
CA TYR A 271 11.25 9.05 -1.61
C TYR A 271 12.64 9.09 -0.92
N ASP A 272 12.69 8.70 0.34
CA ASP A 272 13.96 8.60 1.05
C ASP A 272 14.83 7.54 0.43
N TYR A 273 14.21 6.47 -0.02
CA TYR A 273 14.93 5.35 -0.60
C TYR A 273 15.63 5.78 -1.89
N CYS A 274 14.91 6.56 -2.71
CA CYS A 274 15.53 7.17 -3.91
C CYS A 274 16.70 8.07 -3.58
N VAL A 275 16.53 8.94 -2.60
CA VAL A 275 17.61 9.84 -2.20
C VAL A 275 18.83 9.03 -1.75
N LYS A 276 18.58 8.01 -0.94
CA LYS A 276 19.67 7.22 -0.37
C LYS A 276 20.42 6.39 -1.41
N ARG A 277 19.68 5.85 -2.38
CA ARG A 277 20.22 4.83 -3.31
C ARG A 277 20.79 5.39 -4.61
N ILE A 278 20.40 6.59 -5.00
CA ILE A 278 20.75 7.10 -6.33
C ILE A 278 21.90 8.10 -6.26
N ARG A 279 23.06 7.68 -6.77
CA ARG A 279 24.24 8.55 -6.76
C ARG A 279 24.07 9.71 -7.73
N GLU A 280 24.63 10.86 -7.38
CA GLU A 280 24.59 12.03 -8.26
C GLU A 280 24.84 11.72 -9.74
N GLU A 281 25.85 10.92 -10.05
CA GLU A 281 26.19 10.71 -11.45
C GLU A 281 25.17 9.85 -12.18
N LYS A 282 24.42 9.06 -11.43
CA LYS A 282 23.41 8.20 -12.03
C LYS A 282 22.12 8.94 -12.39
N LYS A 283 22.01 10.20 -11.96
CA LYS A 283 20.83 11.04 -12.26
C LYS A 283 20.86 11.58 -13.69
N GLU A 284 22.02 11.53 -14.32
CA GLU A 284 22.17 12.06 -15.69
C GLU A 284 21.16 11.37 -16.62
N GLY A 285 20.41 12.15 -17.38
CA GLY A 285 19.38 11.55 -18.21
C GLY A 285 17.95 11.68 -17.69
N LEU A 286 17.76 12.04 -16.42
CA LEU A 286 16.40 12.20 -15.91
C LEU A 286 15.77 13.49 -16.41
N ASP A 287 14.45 13.50 -16.51
CA ASP A 287 13.67 14.70 -16.78
C ASP A 287 12.30 14.46 -16.18
N LEU A 288 12.04 15.09 -15.05
CA LEU A 288 10.86 14.80 -14.28
C LEU A 288 9.83 15.92 -14.40
N SER A 289 9.98 16.78 -15.43
CA SER A 289 9.06 17.90 -15.58
C SER A 289 7.60 17.50 -15.81
N SER A 290 7.37 16.33 -16.40
CA SER A 290 6.01 15.85 -16.65
C SER A 290 5.27 15.49 -15.37
N TRP A 291 6.04 15.20 -14.33
CA TRP A 291 5.54 14.61 -13.08
C TRP A 291 4.92 15.69 -12.18
N VAL A 292 3.63 15.95 -12.36
CA VAL A 292 2.98 17.07 -11.67
C VAL A 292 2.28 16.71 -10.37
N THR A 293 2.06 15.41 -10.15
CA THR A 293 1.47 14.94 -8.89
C THR A 293 2.27 13.74 -8.38
N ALA A 294 3.06 13.99 -7.35
CA ALA A 294 3.89 12.95 -6.72
C ALA A 294 3.21 12.65 -5.40
N PHE A 295 2.30 11.68 -5.39
CA PHE A 295 1.50 11.52 -4.17
C PHE A 295 2.27 10.76 -3.09
N ASN A 296 1.94 11.08 -1.84
CA ASN A 296 2.63 10.55 -0.70
C ASN A 296 1.59 10.20 0.34
N GLY A 297 1.31 8.90 0.46
CA GLY A 297 0.30 8.42 1.40
C GLY A 297 0.55 6.97 1.80
N ALA A 298 -0.16 6.53 2.84
CA ALA A 298 -0.19 5.16 3.37
C ALA A 298 0.57 5.04 4.68
N GLU A 299 1.32 6.07 5.01
CA GLU A 299 2.07 6.09 6.27
C GLU A 299 2.41 7.53 6.59
N PRO A 300 3.00 7.78 7.76
CA PRO A 300 3.22 9.19 8.08
C PRO A 300 4.06 9.93 7.04
N VAL A 301 3.59 11.11 6.69
CA VAL A 301 4.19 11.91 5.63
C VAL A 301 5.19 12.91 6.27
N ARG A 302 6.43 12.90 5.81
CA ARG A 302 7.48 13.70 6.46
C ARG A 302 7.99 14.87 5.60
N GLU A 303 7.99 16.07 6.17
CA GLU A 303 8.58 17.23 5.50
C GLU A 303 10.05 16.99 5.13
N GLU A 304 10.82 16.43 6.06
CA GLU A 304 12.24 16.23 5.78
C GLU A 304 12.46 15.31 4.56
N THR A 305 11.69 14.23 4.48
CA THR A 305 11.71 13.35 3.31
C THR A 305 11.48 14.09 2.02
N GLU A 307 11.66 17.32 1.37
CA GLU A 307 12.63 18.37 1.12
C GLU A 307 13.92 17.73 0.60
N HIS A 308 14.35 16.61 1.20
CA HIS A 308 15.51 15.86 0.72
C HIS A 308 15.33 15.44 -0.73
N PHE A 309 14.14 14.94 -1.05
CA PHE A 309 13.88 14.47 -2.41
C PHE A 309 13.88 15.64 -3.39
N TYR A 310 13.29 16.75 -2.97
CA TYR A 310 13.22 17.92 -3.82
C TYR A 310 14.62 18.43 -4.15
N GLN A 311 15.46 18.55 -3.11
CA GLN A 311 16.84 19.01 -3.32
C GLN A 311 17.64 18.04 -4.22
N ALA A 312 17.40 16.75 -4.05
CA ALA A 312 18.10 15.73 -4.83
C ALA A 312 17.71 15.70 -6.32
N PHE A 313 16.49 16.13 -6.66
CA PHE A 313 16.03 15.98 -8.04
C PHE A 313 15.61 17.26 -8.78
N LYS A 314 15.66 18.38 -8.08
CA LYS A 314 15.24 19.66 -8.64
C LYS A 314 16.02 20.03 -9.89
N GLU A 315 17.28 19.63 -9.95
CA GLU A 315 18.07 19.93 -11.15
C GLU A 315 17.60 19.10 -12.36
N PHE A 316 16.75 18.11 -12.11
CA PHE A 316 16.23 17.30 -13.20
C PHE A 316 14.73 17.47 -13.43
N GLY A 317 14.23 18.65 -13.10
CA GLY A 317 12.87 19.02 -13.48
C GLY A 317 11.81 18.72 -12.43
N PHE A 318 12.20 18.08 -11.33
CA PHE A 318 11.23 17.83 -10.27
C PHE A 318 10.91 19.12 -9.50
N ARG A 319 9.62 19.40 -9.31
CA ARG A 319 9.20 20.58 -8.56
C ARG A 319 8.52 20.19 -7.25
N LYS A 320 8.83 20.89 -6.17
CA LYS A 320 8.30 20.47 -4.88
C LYS A 320 6.79 20.57 -4.81
N GLU A 321 6.23 21.47 -5.62
CA GLU A 321 4.78 21.67 -5.68
C GLU A 321 4.06 20.42 -6.18
N ALA A 322 4.80 19.52 -6.82
CA ALA A 322 4.19 18.28 -7.30
C ALA A 322 3.75 17.38 -6.12
N PHE A 323 4.43 17.52 -4.98
CA PHE A 323 4.18 16.59 -3.87
C PHE A 323 2.76 16.74 -3.39
N TYR A 324 2.09 15.59 -3.19
CA TYR A 324 0.67 15.57 -2.89
C TYR A 324 0.41 14.61 -1.76
N PRO A 325 0.53 15.07 -0.50
CA PRO A 325 0.20 14.26 0.67
C PRO A 325 -1.27 13.88 0.60
N CYS A 326 -1.61 12.67 1.01
CA CYS A 326 -3.02 12.26 1.03
C CYS A 326 -3.19 11.19 2.10
N TYR A 327 -4.42 11.00 2.54
CA TYR A 327 -4.70 10.05 3.61
C TYR A 327 -5.86 9.15 3.20
N GLY A 328 -5.82 7.90 3.62
CA GLY A 328 -6.94 7.00 3.39
C GLY A 328 -6.67 5.63 3.99
N LEU A 329 -7.62 4.73 3.80
CA LEU A 329 -7.50 3.36 4.31
C LEU A 329 -8.46 2.44 3.57
N ALA A 330 -8.20 1.14 3.64
CA ALA A 330 -8.95 0.17 2.85
C ALA A 330 -10.43 0.19 3.24
N GLU A 331 -10.69 0.44 4.53
CA GLU A 331 -12.07 0.45 5.04
C GLU A 331 -12.91 1.56 4.42
N ALA A 332 -12.25 2.56 3.85
CA ALA A 332 -12.93 3.62 3.14
C ALA A 332 -12.65 3.54 1.63
N THR A 333 -12.38 2.32 1.18
CA THR A 333 -11.99 2.01 -0.17
C THR A 333 -10.58 2.48 -0.45
N LEU A 334 -10.37 3.80 -0.46
CA LEU A 334 -9.00 4.29 -0.53
C LEU A 334 -8.90 5.73 -0.09
N LEU A 335 -9.21 6.66 -0.97
CA LEU A 335 -8.85 8.07 -0.74
C LEU A 335 -9.86 8.78 0.16
N VAL A 336 -9.36 9.41 1.24
CA VAL A 336 -10.21 10.12 2.22
C VAL A 336 -9.91 11.61 2.23
N THR A 337 -8.63 11.98 2.26
CA THR A 337 -8.25 13.40 2.20
C THR A 337 -7.12 13.64 1.20
N GLY A 338 -7.11 14.84 0.61
CA GLY A 338 -6.04 15.26 -0.26
C GLY A 338 -6.23 16.72 -0.63
N GLY A 339 -5.14 17.39 -1.00
CA GLY A 339 -5.24 18.81 -1.30
C GLY A 339 -5.59 19.10 -2.74
N THR A 340 -5.12 20.27 -3.20
CA THR A 340 -5.27 20.67 -4.60
C THR A 340 -3.95 20.43 -5.35
N PRO A 341 -3.98 19.61 -6.40
CA PRO A 341 -2.76 19.29 -7.16
C PRO A 341 -2.04 20.55 -7.68
N GLY A 342 -0.71 20.56 -7.62
CA GLY A 342 0.06 21.74 -8.03
C GLY A 342 0.22 22.83 -6.98
N SER A 343 -0.61 22.80 -5.95
CA SER A 343 -0.45 23.74 -4.84
C SER A 343 0.60 23.25 -3.84
N SER A 344 1.23 24.15 -3.09
CA SER A 344 2.19 23.74 -2.06
C SER A 344 1.45 23.17 -0.88
N TYR A 345 1.80 21.97 -0.44
CA TYR A 345 1.15 21.40 0.74
C TYR A 345 1.48 22.22 1.99
N LYS A 346 0.57 22.22 2.96
CA LYS A 346 0.76 22.98 4.18
C LYS A 346 1.43 22.17 5.29
N THR A 347 2.11 22.87 6.18
CA THR A 347 2.69 22.25 7.37
C THR A 347 2.31 23.07 8.61
N LEU A 348 2.37 22.42 9.77
CA LEU A 348 2.23 23.14 11.05
C LEU A 348 3.38 22.80 11.96
N THR A 349 3.74 23.75 12.82
CA THR A 349 4.83 23.53 13.75
C THR A 349 4.26 23.39 15.15
N LEU A 350 4.45 22.22 15.73
CA LEU A 350 3.96 21.98 17.07
C LEU A 350 5.09 22.13 18.08
N ALA A 351 4.72 22.54 19.29
CA ALA A 351 5.67 22.64 20.41
C ALA A 351 6.09 21.26 20.92
N LYS A 352 7.28 21.19 21.52
CA LYS A 352 7.73 19.95 22.12
C LYS A 352 6.74 19.47 23.17
N GLU A 353 6.25 20.42 23.96
CA GLU A 353 5.35 20.11 25.04
C GLU A 353 3.91 20.23 24.58
N GLN A 354 3.17 19.13 24.62
CA GLN A 354 1.76 19.11 24.22
C GLN A 354 0.81 18.95 25.40
N PHE A 355 1.37 18.94 26.60
CA PHE A 355 0.57 18.87 27.82
C PHE A 355 -0.35 17.66 27.82
N GLN A 356 -1.58 17.82 28.29
CA GLN A 356 -2.50 16.69 28.51
C GLN A 356 -3.95 16.96 28.11
N ASP A 357 -4.20 18.14 27.56
CA ASP A 357 -5.57 18.54 27.24
C ASP A 357 -6.10 17.95 25.93
N HIS A 358 -5.26 17.20 25.23
CA HIS A 358 -5.59 16.69 23.90
C HIS A 358 -5.66 17.79 22.85
N ARG A 359 -5.37 19.02 23.24
CA ARG A 359 -5.36 20.13 22.29
C ARG A 359 -3.98 20.28 21.67
N VAL A 360 -3.93 20.84 20.47
CA VAL A 360 -2.68 21.05 19.76
C VAL A 360 -2.03 22.34 20.25
N HIS A 361 -0.75 22.24 20.58
CA HIS A 361 0.04 23.37 21.05
C HIS A 361 1.10 23.71 20.02
N PHE A 362 1.03 24.92 19.50
CA PHE A 362 1.82 25.31 18.35
C PHE A 362 3.06 26.07 18.79
N ALA A 363 4.05 26.18 17.91
CA ALA A 363 5.30 26.87 18.25
C ALA A 363 5.87 27.62 17.05
N ASP A 364 6.76 28.57 17.30
CA ASP A 364 7.40 29.33 16.23
C ASP A 364 8.25 28.42 15.33
N ASP A 365 8.31 28.79 14.05
CA ASP A 365 8.75 27.91 12.96
C ASP A 365 10.05 27.15 13.11
N ASN A 366 10.75 27.32 14.22
CA ASN A 366 11.88 26.44 14.53
C ASN A 366 12.32 26.58 15.97
N SER A 367 11.40 27.10 16.78
CA SER A 367 11.53 27.10 18.23
C SER A 367 12.21 25.81 18.67
N PRO A 368 12.91 25.82 19.83
CA PRO A 368 13.62 24.63 20.30
C PRO A 368 12.70 23.45 20.48
N GLY A 369 13.07 22.29 19.95
CA GLY A 369 12.32 21.07 20.19
C GLY A 369 10.99 21.01 19.43
N SER A 370 10.70 22.06 18.66
CA SER A 370 9.50 22.08 17.82
C SER A 370 9.62 21.05 16.69
N TYR A 371 8.48 20.65 16.13
CA TYR A 371 8.48 19.69 15.02
C TYR A 371 7.35 20.03 14.06
N LYS A 372 7.47 19.57 12.82
CA LYS A 372 6.50 19.93 11.80
C LYS A 372 5.62 18.74 11.46
N LEU A 373 4.33 18.99 11.29
CA LEU A 373 3.42 18.00 10.78
C LEU A 373 2.98 18.45 9.41
N VAL A 374 2.80 17.49 8.50
CA VAL A 374 2.39 17.78 7.14
C VAL A 374 0.90 17.59 7.03
N SER A 375 0.24 18.50 6.33
CA SER A 375 -1.19 18.33 6.05
C SER A 375 -1.43 17.16 5.10
N SER A 376 -2.42 16.33 5.41
CA SER A 376 -2.88 15.32 4.45
C SER A 376 -4.01 15.84 3.55
N GLY A 377 -4.30 17.14 3.62
CA GLY A 377 -5.22 17.73 2.66
C GLY A 377 -6.64 17.94 3.15
N ASN A 378 -7.54 18.30 2.26
CA ASN A 378 -8.91 18.58 2.65
C ASN A 378 -9.70 17.31 2.69
N PRO A 379 -10.76 17.24 3.55
CA PRO A 379 -11.64 16.07 3.50
C PRO A 379 -12.30 15.92 2.13
N ILE A 380 -12.13 14.77 1.49
CA ILE A 380 -12.81 14.46 0.25
C ILE A 380 -14.01 13.59 0.57
N GLN A 381 -13.81 12.58 1.45
CA GLN A 381 -14.92 11.95 2.14
C GLN A 381 -15.19 12.81 3.35
N GLU A 382 -16.39 12.74 3.91
CA GLU A 382 -16.68 13.47 5.15
C GLU A 382 -15.79 12.94 6.29
N VAL A 383 -15.12 13.86 7.00
CA VAL A 383 -14.22 13.51 8.10
C VAL A 383 -14.65 14.25 9.37
N LYS A 384 -14.86 13.51 10.46
CA LYS A 384 -15.07 14.11 11.77
C LYS A 384 -14.00 13.69 12.76
N ILE A 385 -13.60 14.60 13.64
CA ILE A 385 -12.64 14.27 14.69
C ILE A 385 -13.46 14.07 15.95
N ILE A 386 -13.46 12.83 16.44
CA ILE A 386 -14.31 12.43 17.54
C ILE A 386 -13.47 11.80 18.66
N ASP A 387 -13.68 12.24 19.90
CA ASP A 387 -13.00 11.63 21.05
C ASP A 387 -13.37 10.13 21.15
N PRO A 388 -12.36 9.23 21.11
CA PRO A 388 -12.62 7.79 20.94
C PRO A 388 -13.23 7.16 22.18
N ASP A 389 -13.12 7.87 23.30
CA ASP A 389 -13.62 7.35 24.58
C ASP A 389 -15.01 7.91 24.92
N THR A 390 -15.15 9.23 24.86
CA THR A 390 -16.43 9.87 25.20
C THR A 390 -17.36 9.93 24.00
N LEU A 391 -16.80 9.83 22.79
CA LEU A 391 -17.59 9.88 21.56
C LEU A 391 -18.18 11.28 21.31
N ILE A 392 -17.61 12.28 21.97
CA ILE A 392 -17.99 13.66 21.76
C ILE A 392 -17.08 14.32 20.70
N PRO A 393 -17.65 15.08 19.77
CA PRO A 393 -16.85 15.73 18.73
C PRO A 393 -15.77 16.61 19.31
N CYS A 394 -14.61 16.62 18.65
CA CYS A 394 -13.51 17.47 19.09
C CYS A 394 -13.61 18.83 18.43
N ASP A 395 -13.12 19.86 19.10
CA ASP A 395 -12.93 21.17 18.47
C ASP A 395 -11.85 21.09 17.38
N PHE A 396 -11.82 22.08 16.49
CA PHE A 396 -10.66 22.23 15.60
C PHE A 396 -9.41 22.42 16.47
N ASP A 397 -8.26 21.96 15.97
CA ASP A 397 -7.01 21.97 16.74
C ASP A 397 -7.13 21.14 18.00
N GLN A 398 -8.04 20.17 17.98
CA GLN A 398 -8.13 19.21 19.08
C GLN A 398 -8.04 17.78 18.55
N VAL A 399 -7.16 16.99 19.15
CA VAL A 399 -6.85 15.67 18.64
C VAL A 399 -7.88 14.63 19.09
N GLY A 400 -8.43 13.90 18.12
CA GLY A 400 -9.35 12.83 18.41
C GLY A 400 -9.23 11.77 17.33
N GLU A 401 -10.13 10.80 17.34
CA GLU A 401 -10.12 9.77 16.34
C GLU A 401 -10.71 10.28 15.02
N ILE A 402 -10.11 9.85 13.92
CA ILE A 402 -10.59 10.22 12.61
C ILE A 402 -11.75 9.31 12.28
N TRP A 403 -12.94 9.89 12.18
CA TRP A 403 -14.15 9.16 11.75
C TRP A 403 -14.53 9.57 10.33
N VAL A 404 -14.98 8.61 9.54
CA VAL A 404 -15.22 8.85 8.12
C VAL A 404 -16.62 8.42 7.72
N GLN A 405 -17.25 9.17 6.82
CA GLN A 405 -18.53 8.78 6.23
C GLN A 405 -18.62 9.16 4.76
N SER A 406 -19.04 8.21 3.92
CA SER A 406 -19.37 8.50 2.53
C SER A 406 -19.75 7.20 1.82
N ASN A 407 -20.15 7.32 0.56
CA ASN A 407 -20.48 6.15 -0.23
C ASN A 407 -19.26 5.25 -0.54
N SER A 408 -18.06 5.72 -0.19
CA SER A 408 -16.85 4.91 -0.34
C SER A 408 -16.57 4.04 0.89
N VAL A 409 -17.32 4.26 1.96
CA VAL A 409 -17.10 3.47 3.16
C VAL A 409 -17.60 2.04 2.94
N ALA A 410 -16.70 1.10 3.17
CA ALA A 410 -16.95 -0.30 2.86
C ALA A 410 -18.00 -0.94 3.77
N LYS A 411 -18.38 -2.16 3.41
CA LYS A 411 -19.49 -2.86 4.01
C LYS A 411 -19.15 -3.63 5.31
N GLY A 412 -17.87 -3.85 5.58
CA GLY A 412 -17.48 -4.59 6.76
C GLY A 412 -16.26 -5.44 6.47
N TYR A 413 -15.92 -6.32 7.40
CA TYR A 413 -14.86 -7.28 7.20
C TYR A 413 -15.50 -8.64 6.95
N TRP A 414 -15.02 -9.35 5.93
CA TRP A 414 -15.62 -10.64 5.57
C TRP A 414 -15.66 -11.61 6.75
N ASN A 415 -16.85 -12.02 7.14
CA ASN A 415 -17.01 -13.06 8.16
C ASN A 415 -16.38 -12.71 9.51
N GLN A 416 -16.36 -11.42 9.86
CA GLN A 416 -15.86 -10.96 11.16
C GLN A 416 -16.86 -9.95 11.73
N PRO A 417 -17.96 -10.46 12.27
CA PRO A 417 -19.10 -9.61 12.62
C PRO A 417 -18.77 -8.69 13.79
N GLU A 418 -18.05 -9.18 14.78
CA GLU A 418 -17.72 -8.35 15.94
C GLU A 418 -16.72 -7.25 15.57
N GLU A 419 -15.68 -7.61 14.82
CA GLU A 419 -14.71 -6.61 14.37
C GLU A 419 -15.40 -5.59 13.48
N THR A 420 -16.39 -6.02 12.71
CA THR A 420 -17.14 -5.13 11.80
C THR A 420 -17.94 -4.10 12.59
N ARG A 421 -18.61 -4.55 13.65
CA ARG A 421 -19.32 -3.62 14.52
C ARG A 421 -18.35 -2.65 15.23
N HIS A 422 -17.20 -3.15 15.62
CA HIS A 422 -16.12 -2.39 16.26
C HIS A 422 -15.62 -1.21 15.41
N ALA A 423 -15.67 -1.35 14.08
CA ALA A 423 -15.07 -0.35 13.20
C ALA A 423 -16.06 0.45 12.35
N PHE A 424 -17.14 -0.20 11.92
CA PHE A 424 -18.04 0.41 10.96
C PHE A 424 -19.37 0.94 11.58
N ALA A 425 -19.46 0.94 12.89
CA ALA A 425 -20.70 1.37 13.54
C ALA A 425 -20.50 2.53 14.52
N GLY A 426 -19.60 3.44 14.19
CA GLY A 426 -19.33 4.57 15.07
C GLY A 426 -20.53 5.50 15.19
N LYS A 427 -20.91 5.83 16.43
CA LYS A 427 -22.05 6.75 16.63
C LYS A 427 -21.66 7.86 17.57
N ILE A 428 -22.03 9.08 17.20
CA ILE A 428 -21.65 10.26 17.97
C ILE A 428 -22.65 10.46 19.08
N LYS A 429 -22.13 10.62 20.29
CA LYS A 429 -22.94 10.84 21.50
C LYS A 429 -23.96 11.93 21.27
N ASP A 430 -25.22 11.59 21.50
CA ASP A 430 -26.33 12.52 21.39
C ASP A 430 -26.60 13.03 19.97
N ASP A 431 -26.13 12.28 18.97
CA ASP A 431 -26.38 12.68 17.59
C ASP A 431 -27.74 12.14 17.09
N ALA A 435 -26.37 9.36 12.07
CA ALA A 435 -25.44 8.84 11.05
C ALA A 435 -24.51 7.80 11.64
N ILE A 436 -23.90 7.00 10.77
CA ILE A 436 -22.94 5.96 11.20
C ILE A 436 -21.59 6.20 10.54
N TYR A 437 -20.53 5.96 11.29
CA TYR A 437 -19.20 6.34 10.82
C TYR A 437 -18.22 5.18 10.85
N LEU A 438 -17.25 5.23 9.95
CA LEU A 438 -16.08 4.37 10.04
C LEU A 438 -15.12 4.92 11.09
N ARG A 439 -14.79 4.11 12.07
CA ARG A 439 -13.77 4.45 13.05
C ARG A 439 -12.39 3.97 12.57
N THR A 440 -11.48 4.89 12.24
CA THR A 440 -10.25 4.48 11.56
C THR A 440 -9.17 3.91 12.46
N GLY A 441 -9.25 4.22 13.75
CA GLY A 441 -8.14 3.89 14.65
C GLY A 441 -7.01 4.90 14.58
N ASP A 442 -7.14 5.89 13.70
CA ASP A 442 -6.15 6.95 13.52
C ASP A 442 -6.47 8.19 14.34
N LEU A 443 -5.44 8.85 14.88
CA LEU A 443 -5.64 10.09 15.62
C LEU A 443 -5.16 11.26 14.75
N GLY A 444 -5.86 12.38 14.84
CA GLY A 444 -5.43 13.58 14.14
C GLY A 444 -6.31 14.74 14.54
N PHE A 445 -6.15 15.83 13.81
CA PHE A 445 -6.94 17.01 14.05
C PHE A 445 -7.17 17.76 12.76
N LEU A 446 -8.25 18.55 12.73
CA LEU A 446 -8.54 19.43 11.60
C LEU A 446 -8.09 20.84 11.94
N HIS A 447 -7.43 21.47 10.99
CA HIS A 447 -7.02 22.86 11.13
C HIS A 447 -7.28 23.58 9.81
N GLU A 448 -8.16 24.57 9.82
CA GLU A 448 -8.51 25.29 8.59
C GLU A 448 -8.86 24.32 7.46
N ASN A 449 -9.71 23.38 7.84
CA ASN A 449 -10.26 22.34 6.97
C ASN A 449 -9.20 21.45 6.33
N GLU A 450 -8.07 21.29 6.99
CA GLU A 450 -7.12 20.29 6.54
C GLU A 450 -6.79 19.31 7.65
N LEU A 451 -6.57 18.05 7.26
CA LEU A 451 -6.40 17.00 8.24
C LEU A 451 -4.92 16.78 8.50
N TYR A 452 -4.55 16.83 9.78
CA TYR A 452 -3.22 16.53 10.25
C TYR A 452 -3.26 15.23 11.04
N VAL A 453 -2.71 14.17 10.46
CA VAL A 453 -2.67 12.87 11.13
C VAL A 453 -1.53 12.85 12.16
N THR A 454 -1.84 12.48 13.40
CA THR A 454 -0.84 12.54 14.46
C THR A 454 -0.32 11.16 14.93
N GLY A 455 -1.07 10.11 14.67
CA GLY A 455 -0.67 8.80 15.16
C GLY A 455 -1.81 7.80 15.15
N ARG A 456 -1.64 6.70 15.89
CA ARG A 456 -2.66 5.67 16.03
C ARG A 456 -3.12 5.68 17.47
N ILE A 457 -4.39 5.33 17.71
CA ILE A 457 -4.88 5.21 19.08
C ILE A 457 -4.00 4.23 19.87
N LYS A 458 -3.73 3.08 19.24
CA LYS A 458 -2.95 2.04 19.87
C LYS A 458 -1.46 2.20 19.62
N ASP A 459 -0.68 2.06 20.68
CA ASP A 459 0.77 2.14 20.63
C ASP A 459 1.35 1.20 19.57
N LEU A 460 2.16 1.75 18.67
CA LEU A 460 2.66 0.99 17.53
C LEU A 460 3.59 -0.16 17.97
N ILE A 461 4.31 0.05 19.06
CA ILE A 461 5.14 -1.02 19.60
C ILE A 461 4.27 -2.21 20.03
N ILE A 462 3.13 -1.91 20.62
CA ILE A 462 2.18 -2.94 21.03
C ILE A 462 1.63 -3.67 19.81
N ILE A 463 1.31 -2.92 18.77
CA ILE A 463 0.81 -3.52 17.53
C ILE A 463 1.82 -4.44 16.86
N TYR A 464 3.06 -3.98 16.75
CA TYR A 464 4.13 -4.83 16.20
C TYR A 464 4.25 -6.10 17.01
N GLY A 465 4.09 -5.99 18.33
CA GLY A 465 4.25 -7.14 19.22
C GLY A 465 3.16 -8.17 19.03
N LYS A 466 1.91 -7.72 19.00
CA LYS A 466 0.78 -8.64 18.91
C LYS A 466 0.72 -9.28 17.53
N ASN A 467 1.27 -8.60 16.52
CA ASN A 467 1.40 -9.18 15.18
C ASN A 467 2.62 -10.08 14.97
N HIS A 468 3.45 -10.24 16.00
CA HIS A 468 4.65 -11.08 15.96
C HIS A 468 5.69 -10.61 14.92
N TYR A 469 5.69 -9.33 14.59
CA TYR A 469 6.64 -8.82 13.60
C TYR A 469 8.12 -8.99 13.98
N PRO A 470 8.49 -8.71 15.23
CA PRO A 470 9.92 -8.87 15.54
C PRO A 470 10.40 -10.31 15.35
N GLN A 471 9.70 -11.25 15.95
CA GLN A 471 10.08 -12.65 15.86
C GLN A 471 10.06 -13.13 14.41
N ASP A 472 9.08 -12.69 13.63
CA ASP A 472 8.97 -13.19 12.27
C ASP A 472 10.02 -12.61 11.34
N ILE A 473 10.41 -11.36 11.59
CA ILE A 473 11.48 -10.71 10.83
C ILE A 473 12.80 -11.41 11.14
N GLU A 474 13.03 -11.73 12.40
CA GLU A 474 14.24 -12.44 12.79
C GLU A 474 14.32 -13.81 12.09
N PHE A 475 13.18 -14.49 12.03
CA PHE A 475 13.09 -15.77 11.32
C PHE A 475 13.48 -15.64 9.87
N SER A 476 12.94 -14.63 9.19
CA SER A 476 13.25 -14.36 7.80
C SER A 476 14.75 -14.20 7.58
N LEU A 477 15.39 -13.38 8.42
CA LEU A 477 16.82 -13.13 8.29
C LEU A 477 17.61 -14.43 8.46
N HIS A 479 16.60 -17.39 7.99
CA HIS A 479 16.28 -18.39 6.98
C HIS A 479 16.57 -17.98 5.53
N SER A 480 17.13 -16.79 5.38
CA SER A 480 17.51 -16.31 4.05
C SER A 480 18.99 -16.58 3.87
N PRO A 481 19.47 -16.49 2.63
CA PRO A 481 20.90 -16.71 2.34
C PRO A 481 21.79 -15.68 3.03
N LEU A 482 21.19 -14.58 3.46
CA LEU A 482 21.95 -13.56 4.17
C LEU A 482 22.56 -14.13 5.45
N HIS A 483 21.94 -15.12 6.06
CA HIS A 483 22.47 -15.61 7.34
C HIS A 483 23.90 -16.11 7.23
N HIS A 484 24.33 -16.46 6.02
CA HIS A 484 25.70 -16.93 5.83
C HIS A 484 26.83 -15.93 6.15
N VAL A 485 26.51 -14.64 6.25
CA VAL A 485 27.51 -13.64 6.58
C VAL A 485 27.22 -13.04 7.96
N LEU A 486 26.21 -13.57 8.64
CA LEU A 486 25.78 -13.02 9.92
C LEU A 486 25.92 -13.99 11.07
N GLY A 487 25.80 -13.45 12.28
CA GLY A 487 25.63 -14.26 13.47
C GLY A 487 24.16 -14.19 13.84
N LYS A 488 23.90 -13.76 15.06
CA LYS A 488 22.54 -13.54 15.55
C LYS A 488 21.95 -12.20 15.13
N CYS A 489 20.63 -12.08 15.21
CA CYS A 489 19.98 -10.84 14.83
C CYS A 489 18.78 -10.54 15.75
N ALA A 490 18.32 -9.30 15.69
CA ALA A 490 17.18 -8.90 16.48
C ALA A 490 16.49 -7.77 15.72
N ALA A 491 15.16 -7.73 15.81
CA ALA A 491 14.37 -6.68 15.18
C ALA A 491 13.42 -6.10 16.21
N PHE A 492 13.21 -4.79 16.17
CA PHE A 492 12.34 -4.15 17.13
C PHE A 492 12.04 -2.76 16.65
N VAL A 493 11.00 -2.16 17.23
CA VAL A 493 10.64 -0.79 16.88
C VAL A 493 10.98 0.17 18.01
N ILE A 494 11.61 1.28 17.63
CA ILE A 494 12.02 2.33 18.55
C ILE A 494 11.14 3.52 18.30
N GLN A 495 10.64 4.16 19.38
CA GLN A 495 9.96 5.44 19.21
C GLN A 495 10.96 6.55 19.49
N GLU A 496 11.11 7.46 18.55
CA GLU A 496 12.22 8.40 18.59
C GLU A 496 11.77 9.76 18.11
N GLU A 497 11.56 10.67 19.06
CA GLU A 497 10.86 11.95 18.85
C GLU A 497 9.84 11.93 17.73
N HIS A 498 8.60 11.63 18.10
CA HIS A 498 7.47 11.81 17.22
C HIS A 498 7.43 10.84 16.04
N GLU A 499 8.38 9.90 15.94
CA GLU A 499 8.36 8.90 14.88
C GLU A 499 8.67 7.49 15.40
N TYR A 500 8.19 6.49 14.67
CA TYR A 500 8.55 5.11 14.98
C TYR A 500 9.51 4.57 13.93
N LYS A 501 10.51 3.81 14.34
CA LYS A 501 11.50 3.29 13.40
C LYS A 501 11.71 1.81 13.61
N LEU A 502 11.37 1.01 12.61
CA LEU A 502 11.68 -0.40 12.64
C LEU A 502 13.18 -0.54 12.54
N THR A 503 13.76 -1.28 13.47
CA THR A 503 15.22 -1.33 13.60
C THR A 503 15.67 -2.78 13.56
N VAL A 504 16.69 -3.08 12.76
CA VAL A 504 17.20 -4.44 12.68
C VAL A 504 18.67 -4.39 13.09
N CYS A 506 22.19 -6.80 13.46
CA CYS A 506 22.76 -8.09 13.06
C CYS A 506 24.21 -8.18 13.49
N GLU A 507 24.61 -9.30 14.07
CA GLU A 507 26.04 -9.60 14.20
C GLU A 507 26.55 -9.94 12.80
N VAL A 508 27.77 -9.54 12.47
CA VAL A 508 28.36 -9.95 11.22
C VAL A 508 29.57 -10.81 11.53
N LYS A 509 29.74 -11.90 10.79
CA LYS A 509 30.90 -12.76 11.01
C LYS A 509 32.20 -11.98 10.84
N ASN A 510 32.27 -11.18 9.80
CA ASN A 510 33.47 -10.43 9.45
C ASN A 510 33.31 -8.94 9.77
N ARG A 511 33.91 -8.54 10.87
CA ARG A 511 33.76 -7.17 11.39
C ARG A 511 34.51 -6.13 10.56
N PHE A 512 35.32 -6.61 9.64
CA PHE A 512 35.99 -5.72 8.69
C PHE A 512 35.22 -5.58 7.39
N ASP A 514 33.77 -4.64 4.18
CA ASP A 514 34.09 -3.38 3.49
C ASP A 514 32.83 -2.58 3.14
N ASP A 515 33.00 -1.31 2.76
CA ASP A 515 31.84 -0.43 2.60
C ASP A 515 30.86 -0.89 1.53
N VAL A 516 31.37 -1.44 0.43
CA VAL A 516 30.47 -1.95 -0.59
C VAL A 516 29.64 -3.13 -0.10
N ALA A 517 30.29 -4.05 0.61
CA ALA A 517 29.58 -5.24 1.11
C ALA A 517 28.52 -4.82 2.12
N GLN A 518 28.86 -3.84 2.95
CA GLN A 518 27.92 -3.30 3.92
C GLN A 518 26.69 -2.75 3.20
N ASP A 519 26.93 -1.87 2.23
CA ASP A 519 25.83 -1.31 1.45
C ASP A 519 24.94 -2.37 0.82
N ASN A 520 25.54 -3.38 0.20
CA ASN A 520 24.81 -4.49 -0.39
C ASN A 520 24.00 -5.22 0.68
N LEU A 521 24.63 -5.46 1.83
CA LEU A 521 23.95 -6.15 2.93
C LEU A 521 22.73 -5.37 3.42
N PHE A 522 22.91 -4.06 3.64
CA PHE A 522 21.81 -3.19 4.07
C PHE A 522 20.64 -3.25 3.07
N ASN A 523 20.96 -3.16 1.79
CA ASN A 523 19.93 -3.27 0.75
C ASN A 523 19.22 -4.63 0.72
N GLU A 524 19.97 -5.71 0.95
CA GLU A 524 19.41 -7.05 0.97
C GLU A 524 18.48 -7.20 2.14
N ILE A 525 18.87 -6.63 3.27
CA ILE A 525 18.03 -6.70 4.43
C ILE A 525 16.73 -5.94 4.17
N PHE A 526 16.84 -4.72 3.66
CA PHE A 526 15.64 -3.94 3.38
C PHE A 526 14.69 -4.70 2.45
N GLU A 527 15.23 -5.23 1.36
CA GLU A 527 14.41 -6.00 0.41
C GLU A 527 13.76 -7.24 1.01
N LEU A 528 14.50 -7.97 1.83
CA LEU A 528 13.97 -9.17 2.46
C LEU A 528 12.76 -8.89 3.33
N VAL A 529 12.86 -7.88 4.19
CA VAL A 529 11.77 -7.59 5.11
C VAL A 529 10.55 -7.02 4.34
N TYR A 530 10.82 -6.20 3.34
CA TYR A 530 9.74 -5.67 2.51
C TYR A 530 8.94 -6.79 1.83
N GLU A 531 9.66 -7.75 1.25
CA GLU A 531 9.04 -8.88 0.55
C GLU A 531 8.33 -9.87 1.46
N ASN A 532 8.95 -10.22 2.58
CA ASN A 532 8.40 -11.22 3.49
C ASN A 532 7.33 -10.67 4.43
N HIS A 533 7.36 -9.38 4.72
CA HIS A 533 6.50 -8.83 5.78
C HIS A 533 5.74 -7.56 5.43
N GLN A 534 5.98 -7.06 4.23
CA GLN A 534 5.38 -5.79 3.81
C GLN A 534 5.67 -4.69 4.83
N LEU A 535 6.90 -4.67 5.34
CA LEU A 535 7.32 -3.62 6.27
C LEU A 535 8.60 -2.98 5.75
N GLU A 536 8.85 -1.73 6.16
CA GLU A 536 10.07 -1.03 5.76
C GLU A 536 11.04 -0.81 6.92
N VAL A 537 12.24 -1.40 6.82
CA VAL A 537 13.29 -1.16 7.83
C VAL A 537 13.84 0.26 7.77
N HIS A 538 13.90 0.95 8.90
CA HIS A 538 14.35 2.34 8.93
C HIS A 538 15.79 2.48 9.34
N THR A 539 16.23 1.53 10.18
CA THR A 539 17.55 1.59 10.75
C THR A 539 18.13 0.18 10.79
N ILE A 540 19.37 0.03 10.37
CA ILE A 540 20.05 -1.25 10.50
C ILE A 540 21.37 -1.04 11.20
N VAL A 541 21.66 -1.87 12.20
CA VAL A 541 22.90 -1.76 12.95
C VAL A 541 23.69 -3.07 12.88
N LEU A 542 24.98 -2.97 12.55
CA LEU A 542 25.84 -4.14 12.42
C LEU A 542 26.80 -4.11 13.61
N ILE A 543 26.99 -5.26 14.23
CA ILE A 543 27.91 -5.40 15.35
C ILE A 543 28.72 -6.69 15.19
N PRO A 544 29.82 -6.84 15.94
CA PRO A 544 30.68 -8.03 15.81
C PRO A 544 30.01 -9.32 16.30
N LEU A 545 30.52 -10.44 15.81
CA LEU A 545 30.10 -11.76 16.26
C LEU A 545 30.19 -11.88 17.78
N LYS A 546 29.26 -12.65 18.33
CA LYS A 546 29.21 -12.91 19.78
C LYS A 546 28.95 -11.65 20.62
N ALA A 547 28.56 -10.56 19.99
CA ALA A 547 28.34 -9.33 20.73
C ALA A 547 27.00 -9.35 21.48
N PRO A 549 24.57 -11.52 23.95
CA PRO A 549 24.79 -12.58 24.93
C PRO A 549 24.10 -13.89 24.53
N HIS A 550 24.70 -15.02 24.89
CA HIS A 550 24.10 -16.31 24.60
C HIS A 550 22.70 -16.36 25.18
N THR A 551 21.77 -16.87 24.40
CA THR A 551 20.41 -17.06 24.86
C THR A 551 19.63 -17.84 23.84
N THR A 552 18.61 -18.55 24.31
CA THR A 552 17.75 -19.30 23.44
C THR A 552 16.45 -18.51 23.27
N SER A 553 16.44 -17.28 23.77
CA SER A 553 15.23 -16.46 23.77
C SER A 553 15.35 -15.23 22.89
N GLY A 554 14.58 -15.20 21.81
CA GLY A 554 14.51 -14.00 20.99
C GLY A 554 14.20 -12.74 21.81
N LYS A 555 13.27 -12.85 22.75
CA LYS A 555 12.89 -11.70 23.57
C LYS A 555 14.05 -11.13 24.38
N ILE A 556 14.79 -12.00 25.06
CA ILE A 556 15.96 -11.59 25.82
C ILE A 556 17.01 -10.93 24.92
N ARG A 557 17.26 -11.55 23.78
CA ARG A 557 18.23 -11.02 22.83
C ARG A 557 17.80 -9.64 22.34
N ARG A 558 16.52 -9.54 22.02
CA ARG A 558 15.91 -8.32 21.49
C ARG A 558 15.96 -7.20 22.53
N ASN A 559 15.67 -7.54 23.78
CA ASN A 559 15.72 -6.54 24.86
C ASN A 559 17.14 -6.03 25.11
N PHE A 560 18.11 -6.92 24.98
CA PHE A 560 19.51 -6.52 25.13
C PHE A 560 19.89 -5.48 24.07
N CYS A 561 19.54 -5.76 22.82
CA CYS A 561 19.89 -4.88 21.71
C CYS A 561 19.18 -3.54 21.83
N ARG A 562 17.91 -3.58 22.21
CA ARG A 562 17.17 -2.35 22.38
C ARG A 562 17.80 -1.50 23.47
N LYS A 563 18.20 -2.14 24.58
CA LYS A 563 18.74 -1.43 25.74
C LYS A 563 20.13 -0.86 25.51
N HIS A 564 20.95 -1.59 24.75
CA HIS A 564 22.32 -1.13 24.51
C HIS A 564 22.50 -0.27 23.26
N LEU A 565 21.48 -0.23 22.40
CA LEU A 565 21.46 0.78 21.37
C LEU A 565 21.15 2.09 22.07
N LEU A 566 20.25 2.01 23.04
CA LEU A 566 19.80 3.16 23.82
C LEU A 566 20.91 3.69 24.75
N ASP A 567 21.66 2.78 25.37
CA ASP A 567 22.86 3.13 26.15
C ASP A 567 23.92 3.84 25.31
N LYS A 568 24.14 3.34 24.10
CA LYS A 568 25.27 3.75 23.27
C LYS A 568 26.55 3.11 23.80
N THR A 569 26.41 1.90 24.34
CA THR A 569 27.52 1.15 24.91
C THR A 569 28.16 0.16 23.93
N LEU A 570 27.34 -0.56 23.17
CA LEU A 570 27.86 -1.68 22.40
C LEU A 570 28.77 -1.32 21.21
N PRO A 571 29.67 -2.25 20.86
CA PRO A 571 30.58 -2.00 19.76
C PRO A 571 29.75 -1.98 18.48
N ILE A 572 29.89 -0.95 17.66
CA ILE A 572 29.13 -0.87 16.43
C ILE A 572 30.05 -0.90 15.22
N VAL A 573 29.77 -1.80 14.28
CA VAL A 573 30.53 -1.90 13.05
C VAL A 573 30.06 -0.85 12.06
N ALA A 574 28.75 -0.75 11.87
CA ALA A 574 28.21 0.28 10.98
C ALA A 574 26.74 0.45 11.23
N THR A 575 26.22 1.61 10.84
CA THR A 575 24.79 1.88 10.98
C THR A 575 24.30 2.37 9.64
N TRP A 576 23.08 2.02 9.28
CA TRP A 576 22.45 2.52 8.06
C TRP A 576 21.14 3.17 8.50
N GLN A 577 20.88 4.38 8.02
CA GLN A 577 19.63 5.08 8.34
C GLN A 577 18.94 5.52 7.05
N LEU A 578 17.79 4.93 6.78
CA LEU A 578 17.06 5.20 5.53
C LEU A 578 16.88 6.69 5.25
N ASN A 579 16.53 7.45 6.28
CA ASN A 579 16.11 8.84 6.04
C ASN A 579 17.21 9.85 6.23
N LYS A 580 18.43 9.36 6.40
CA LYS A 580 19.60 10.24 6.56
C LYS A 580 20.48 10.22 5.32
N ILE A 581 21.06 11.36 5.02
CA ILE A 581 21.95 11.49 3.88
C ILE A 581 23.38 11.31 4.34
#